data_5CIS
#
_entry.id   5CIS
#
_cell.length_a   66.930
_cell.length_b   98.300
_cell.length_c   121.410
_cell.angle_alpha   90.000
_cell.angle_beta   90.000
_cell.angle_gamma   90.000
#
_symmetry.space_group_name_H-M   'C 2 2 21'
#
loop_
_entity.id
_entity.type
_entity.pdbx_description
1 polymer 'Mannan-binding lectin serine peptidase 2'
2 non-polymer 'CALCIUM ION'
3 non-polymer 2-acetamido-2-deoxy-beta-D-glucopyranose
4 water water
#
_entity_poly.entity_id   1
_entity_poly.type   'polypeptide(L)'
_entity_poly.pdbx_seq_one_letter_code
;KWPEPVFGRLVSPGFPEKYGNHQDRSWTLTAPPGFRLRLYFTHFNLELSYRCEYDFVKLTSGTKVLATLCGQESTDTERA
PGNDTFYSLGPSLKVTFHSDYSNEKPFTGFEAFYAAEDVDECRTSLGDSVPCDHYCHNYLGGYYCSCRVGYILHQNKHTC
SALCSGQVFTGRSGFLSSPEYPQPYPKLSSCAYNIRLEEGFSITLDFVESFDVEMHPEAQCPYDSLKIQTDKREYGPFCG
KTLPPRIETDSNKVTITFTTDESGNHTGWKIHYTSTAQ
;
_entity_poly.pdbx_strand_id   A
#
loop_
_chem_comp.id
_chem_comp.type
_chem_comp.name
_chem_comp.formula
CA non-polymer 'CALCIUM ION' 'Ca 2'
NAG D-saccharide, beta linking 2-acetamido-2-deoxy-beta-D-glucopyranose 'C8 H15 N O6'
#
# COMPACT_ATOMS: atom_id res chain seq x y z
N LYS A 1 -31.21 -2.20 17.42
CA LYS A 1 -31.31 -1.97 15.99
C LYS A 1 -30.04 -1.33 15.45
N TRP A 2 -30.13 -0.07 15.04
CA TRP A 2 -28.98 0.65 14.49
C TRP A 2 -27.99 1.01 15.60
N PRO A 3 -26.69 0.80 15.35
CA PRO A 3 -25.66 1.01 16.38
C PRO A 3 -25.20 2.46 16.49
N GLU A 4 -25.14 2.96 17.72
CA GLU A 4 -24.73 4.33 18.00
C GLU A 4 -23.24 4.52 17.76
N PRO A 5 -22.84 5.75 17.39
CA PRO A 5 -21.41 6.08 17.24
C PRO A 5 -20.67 5.86 18.56
N VAL A 6 -19.44 5.34 18.47
CA VAL A 6 -18.69 4.99 19.67
C VAL A 6 -17.86 6.16 20.20
N PHE A 7 -18.21 6.62 21.40
CA PHE A 7 -17.47 7.66 22.09
C PHE A 7 -17.85 7.64 23.57
N GLY A 8 -16.97 8.16 24.42
CA GLY A 8 -17.25 8.16 25.84
C GLY A 8 -16.16 8.75 26.70
N ARG A 9 -16.36 8.66 28.01
CA ARG A 9 -15.48 9.29 28.99
C ARG A 9 -15.03 8.28 30.05
N LEU A 10 -13.73 8.25 30.32
CA LEU A 10 -13.17 7.35 31.31
C LEU A 10 -12.42 8.13 32.40
N VAL A 11 -12.73 7.83 33.66
CA VAL A 11 -12.08 8.52 34.77
C VAL A 11 -11.63 7.55 35.87
N SER A 12 -10.71 8.01 36.71
CA SER A 12 -10.30 7.24 37.87
C SER A 12 -11.46 7.21 38.87
N PRO A 13 -11.56 6.12 39.65
CA PRO A 13 -12.65 5.96 40.61
C PRO A 13 -12.78 7.15 41.56
N GLY A 14 -13.93 7.80 41.55
CA GLY A 14 -14.21 8.88 42.48
C GLY A 14 -13.85 10.26 41.95
N PHE A 15 -13.36 10.31 40.72
CA PHE A 15 -12.99 11.57 40.07
C PHE A 15 -14.15 12.55 40.11
N PRO A 16 -13.88 13.84 40.38
CA PRO A 16 -12.57 14.50 40.51
C PRO A 16 -11.87 14.33 41.86
N GLU A 17 -12.49 13.62 42.81
CA GLU A 17 -11.85 13.40 44.10
C GLU A 17 -10.65 12.47 43.96
N LYS A 18 -9.87 12.34 45.03
CA LYS A 18 -8.68 11.49 45.03
C LYS A 18 -9.05 10.04 44.73
N TYR A 19 -8.13 9.30 44.13
CA TYR A 19 -8.37 7.88 43.90
C TYR A 19 -7.77 7.07 45.06
N GLY A 20 -8.41 5.94 45.36
CA GLY A 20 -8.01 5.15 46.51
C GLY A 20 -6.90 4.16 46.23
N ASN A 21 -6.55 3.38 47.26
CA ASN A 21 -5.51 2.37 47.13
C ASN A 21 -6.10 1.01 46.77
N HIS A 22 -5.26 0.14 46.22
CA HIS A 22 -5.67 -1.23 45.87
C HIS A 22 -6.86 -1.26 44.92
N GLN A 23 -6.88 -0.36 43.95
CA GLN A 23 -7.98 -0.30 42.99
C GLN A 23 -7.55 -0.74 41.60
N ASP A 24 -8.48 -1.32 40.85
CA ASP A 24 -8.21 -1.77 39.50
C ASP A 24 -9.41 -1.50 38.60
N ARG A 25 -9.14 -0.91 37.43
CA ARG A 25 -10.19 -0.62 36.46
C ARG A 25 -9.73 -1.03 35.06
N SER A 26 -10.66 -1.43 34.22
CA SER A 26 -10.33 -1.81 32.86
C SER A 26 -11.48 -1.58 31.89
N TRP A 27 -11.15 -1.05 30.71
CA TRP A 27 -12.14 -0.80 29.67
C TRP A 27 -11.64 -1.35 28.34
N THR A 28 -12.48 -2.11 27.64
CA THR A 28 -12.16 -2.56 26.30
C THR A 28 -13.04 -1.88 25.28
N LEU A 29 -12.47 -0.88 24.62
CA LEU A 29 -13.20 -0.09 23.64
C LEU A 29 -12.99 -0.66 22.25
N THR A 30 -14.06 -0.71 21.46
CA THR A 30 -14.03 -1.31 20.13
C THR A 30 -14.79 -0.47 19.11
N ALA A 31 -14.09 -0.11 18.04
CA ALA A 31 -14.69 0.62 16.93
C ALA A 31 -15.07 -0.35 15.81
N PRO A 32 -15.96 0.07 14.89
CA PRO A 32 -16.25 -0.76 13.72
C PRO A 32 -15.01 -0.97 12.83
N PRO A 33 -15.03 -2.00 11.97
CA PRO A 33 -13.92 -2.22 11.04
C PRO A 33 -13.70 -1.02 10.12
N GLY A 34 -12.45 -0.62 9.95
CA GLY A 34 -12.12 0.54 9.15
C GLY A 34 -12.02 1.80 10.00
N PHE A 35 -12.40 1.66 11.27
CA PHE A 35 -12.32 2.76 12.22
C PHE A 35 -11.30 2.46 13.31
N ARG A 36 -10.72 3.51 13.87
CA ARG A 36 -9.82 3.37 15.02
C ARG A 36 -10.28 4.30 16.13
N LEU A 37 -9.63 4.21 17.29
CA LEU A 37 -10.03 4.98 18.44
C LEU A 37 -9.04 6.09 18.79
N ARG A 38 -9.57 7.30 19.01
CA ARG A 38 -8.76 8.44 19.42
C ARG A 38 -8.99 8.72 20.89
N LEU A 39 -7.90 8.78 21.66
CA LEU A 39 -7.99 8.98 23.10
C LEU A 39 -7.08 10.10 23.57
N TYR A 40 -7.56 10.89 24.53
CA TYR A 40 -6.78 11.98 25.11
C TYR A 40 -7.22 12.27 26.54
N PHE A 41 -6.34 12.90 27.31
CA PHE A 41 -6.63 13.21 28.71
C PHE A 41 -6.89 14.69 28.93
N THR A 42 -7.96 15.00 29.65
CA THR A 42 -8.20 16.37 30.10
C THR A 42 -7.58 16.57 31.47
N HIS A 43 -7.37 15.46 32.18
CA HIS A 43 -6.75 15.53 33.51
C HIS A 43 -5.88 14.30 33.77
N PHE A 44 -4.74 14.50 34.42
CA PHE A 44 -3.88 13.38 34.78
C PHE A 44 -2.92 13.74 35.92
N ASN A 45 -2.96 12.93 36.98
CA ASN A 45 -2.12 13.13 38.15
C ASN A 45 -2.05 11.84 38.96
N LEU A 46 -0.95 11.10 38.81
CA LEU A 46 -0.76 9.84 39.49
C LEU A 46 0.54 9.81 40.29
N GLU A 47 0.77 8.72 41.01
CA GLU A 47 2.00 8.53 41.74
C GLU A 47 3.15 8.20 40.79
N LEU A 48 4.30 8.83 41.01
CA LEU A 48 5.48 8.58 40.21
C LEU A 48 6.29 7.42 40.78
N SER A 49 6.65 6.48 39.92
CA SER A 49 7.51 5.36 40.30
C SER A 49 8.34 4.93 39.09
N TYR A 50 9.39 4.15 39.32
CA TYR A 50 10.25 3.70 38.22
C TYR A 50 9.47 2.84 37.24
N ARG A 51 9.50 3.24 35.97
CA ARG A 51 8.74 2.60 34.91
C ARG A 51 7.25 2.50 35.26
N CYS A 52 6.79 3.42 36.10
CA CYS A 52 5.41 3.45 36.57
C CYS A 52 4.95 2.10 37.11
N GLU A 53 5.69 1.60 38.09
CA GLU A 53 5.45 0.27 38.63
C GLU A 53 4.26 0.24 39.60
N TYR A 54 4.18 1.25 40.46
CA TYR A 54 3.17 1.29 41.51
C TYR A 54 1.79 1.56 40.92
N ASP A 55 1.48 2.83 40.70
CA ASP A 55 0.23 3.21 40.04
C ASP A 55 0.48 3.48 38.56
N PHE A 56 -0.50 3.15 37.72
CA PHE A 56 -0.35 3.42 36.29
C PHE A 56 -1.66 3.42 35.51
N VAL A 57 -1.64 4.10 34.37
CA VAL A 57 -2.69 4.00 33.37
C VAL A 57 -2.08 3.48 32.07
N LYS A 58 -2.34 2.22 31.76
CA LYS A 58 -1.74 1.58 30.59
C LYS A 58 -2.72 1.50 29.43
N LEU A 59 -2.23 1.83 28.23
CA LEU A 59 -3.01 1.73 27.01
C LEU A 59 -2.39 0.68 26.10
N THR A 60 -3.17 -0.31 25.71
CA THR A 60 -2.68 -1.35 24.80
C THR A 60 -3.64 -1.59 23.63
N SER A 61 -3.10 -2.07 22.51
CA SER A 61 -3.93 -2.44 21.36
C SER A 61 -3.57 -3.83 20.88
N GLY A 62 -4.12 -4.84 21.54
CA GLY A 62 -3.81 -6.22 21.23
C GLY A 62 -2.58 -6.66 22.00
N THR A 63 -1.44 -6.68 21.32
CA THR A 63 -0.19 -7.06 21.95
C THR A 63 0.69 -5.84 22.16
N LYS A 64 0.51 -4.84 21.30
CA LYS A 64 1.32 -3.62 21.34
C LYS A 64 1.02 -2.81 22.60
N VAL A 65 2.07 -2.49 23.35
CA VAL A 65 1.95 -1.65 24.53
C VAL A 65 2.07 -0.18 24.12
N LEU A 66 0.92 0.45 23.89
CA LEU A 66 0.91 1.82 23.40
C LEU A 66 1.46 2.81 24.41
N ALA A 67 1.05 2.67 25.67
CA ALA A 67 1.51 3.60 26.69
C ALA A 67 1.44 3.03 28.10
N THR A 68 2.29 3.57 28.97
CA THR A 68 2.24 3.27 30.40
C THR A 68 2.44 4.57 31.16
N LEU A 69 1.35 5.20 31.56
CA LEU A 69 1.37 6.57 32.04
C LEU A 69 1.35 6.67 33.56
N CYS A 70 2.23 7.52 34.11
CA CYS A 70 2.33 7.73 35.55
C CYS A 70 2.68 9.18 35.87
N GLY A 71 2.65 9.52 37.15
CA GLY A 71 3.14 10.79 37.64
C GLY A 71 2.44 12.03 37.10
N GLN A 72 3.16 13.15 37.08
CA GLN A 72 2.62 14.41 36.61
C GLN A 72 3.31 14.88 35.33
N GLU A 73 4.63 14.82 35.32
CA GLU A 73 5.41 15.16 34.13
C GLU A 73 6.30 13.98 33.71
N SER A 74 6.59 13.90 32.42
CA SER A 74 7.35 12.80 31.87
C SER A 74 8.82 12.86 32.29
N THR A 75 9.43 11.68 32.46
CA THR A 75 10.85 11.59 32.75
C THR A 75 11.55 10.88 31.59
N ASP A 76 12.72 10.31 31.87
CA ASP A 76 13.44 9.54 30.87
C ASP A 76 12.99 8.08 30.88
N THR A 77 12.29 7.69 31.94
CA THR A 77 11.83 6.32 32.08
C THR A 77 10.32 6.23 32.30
N GLU A 78 9.69 7.38 32.51
CA GLU A 78 8.24 7.44 32.69
C GLU A 78 7.61 8.50 31.81
N ARG A 79 6.35 8.29 31.43
CA ARG A 79 5.66 9.21 30.55
C ARG A 79 4.34 9.70 31.14
N ALA A 80 4.09 11.01 31.01
CA ALA A 80 2.80 11.59 31.36
C ALA A 80 2.13 12.09 30.07
N PRO A 81 0.80 11.96 29.99
CA PRO A 81 0.06 12.23 28.74
C PRO A 81 0.18 13.67 28.26
N GLY A 82 -0.15 14.62 29.13
CA GLY A 82 -0.30 16.00 28.69
C GLY A 82 -1.49 16.06 27.76
N ASN A 83 -1.40 16.88 26.73
CA ASN A 83 -2.47 16.97 25.76
C ASN A 83 -2.14 16.17 24.50
N ASP A 84 -1.31 15.14 24.66
CA ASP A 84 -0.96 14.26 23.56
C ASP A 84 -2.17 13.43 23.13
N THR A 85 -2.14 12.94 21.89
CA THR A 85 -3.23 12.12 21.38
C THR A 85 -2.76 10.70 21.13
N PHE A 86 -3.50 9.73 21.66
CA PHE A 86 -3.17 8.32 21.51
C PHE A 86 -4.15 7.64 20.57
N TYR A 87 -3.62 6.88 19.61
CA TYR A 87 -4.44 6.18 18.64
C TYR A 87 -4.31 4.67 18.78
N SER A 88 -5.43 3.97 18.63
CA SER A 88 -5.42 2.52 18.68
C SER A 88 -4.81 1.93 17.41
N LEU A 89 -4.21 0.75 17.55
CA LEU A 89 -3.72 0.02 16.38
C LEU A 89 -4.77 -1.00 16.00
N GLY A 90 -5.66 -0.62 15.09
CA GLY A 90 -6.83 -1.41 14.78
C GLY A 90 -8.03 -0.81 15.48
N PRO A 91 -9.19 -1.48 15.37
CA PRO A 91 -10.44 -0.97 15.94
C PRO A 91 -10.54 -1.14 17.46
N SER A 92 -9.55 -1.77 18.08
CA SER A 92 -9.64 -2.10 19.50
C SER A 92 -8.62 -1.35 20.35
N LEU A 93 -8.99 -1.09 21.60
CA LEU A 93 -8.10 -0.41 22.55
C LEU A 93 -8.48 -0.74 23.99
N LYS A 94 -7.51 -1.23 24.76
CA LYS A 94 -7.74 -1.54 26.16
C LYS A 94 -7.05 -0.52 27.07
N VAL A 95 -7.83 0.02 28.01
CA VAL A 95 -7.35 1.01 28.97
C VAL A 95 -7.41 0.42 30.38
N THR A 96 -6.28 0.43 31.09
CA THR A 96 -6.25 -0.17 32.42
C THR A 96 -5.68 0.78 33.47
N PHE A 97 -6.44 1.01 34.54
CA PHE A 97 -5.98 1.81 35.66
C PHE A 97 -5.64 0.91 36.85
N HIS A 98 -4.50 1.18 37.48
CA HIS A 98 -4.09 0.40 38.65
C HIS A 98 -3.42 1.27 39.71
N SER A 99 -3.69 0.95 40.97
CA SER A 99 -3.05 1.64 42.10
C SER A 99 -2.52 0.62 43.10
N ASP A 100 -1.39 0.92 43.72
CA ASP A 100 -0.79 0.01 44.69
C ASP A 100 -1.39 0.22 46.09
N TYR A 101 -0.60 -0.07 47.12
CA TYR A 101 -1.10 -0.08 48.48
C TYR A 101 -1.13 1.30 49.14
N SER A 102 -0.28 2.22 48.69
CA SER A 102 -0.15 3.51 49.36
C SER A 102 0.00 4.69 48.42
N ASN A 103 -0.47 5.86 48.88
CA ASN A 103 -0.26 7.12 48.18
C ASN A 103 0.14 8.23 49.15
N GLU A 104 1.43 8.57 49.15
CA GLU A 104 1.96 9.57 50.09
C GLU A 104 1.26 10.92 49.94
N LYS A 105 1.14 11.38 48.70
CA LYS A 105 0.44 12.63 48.42
C LYS A 105 -0.94 12.33 47.85
N PRO A 106 -1.90 13.25 48.06
CA PRO A 106 -3.25 13.06 47.53
C PRO A 106 -3.31 13.20 46.00
N PHE A 107 -2.87 12.16 45.28
CA PHE A 107 -2.93 12.16 43.84
C PHE A 107 -4.39 12.06 43.38
N THR A 108 -4.75 12.87 42.40
CA THR A 108 -6.17 13.06 42.08
C THR A 108 -6.64 12.36 40.80
N GLY A 109 -5.86 11.41 40.30
CA GLY A 109 -6.32 10.57 39.21
C GLY A 109 -6.41 11.24 37.86
N PHE A 110 -7.31 10.77 37.01
CA PHE A 110 -7.34 11.21 35.62
C PHE A 110 -8.75 11.37 35.05
N GLU A 111 -8.87 12.20 34.02
CA GLU A 111 -10.07 12.26 33.19
C GLU A 111 -9.64 12.23 31.71
N ALA A 112 -10.20 11.27 30.98
CA ALA A 112 -9.87 11.07 29.57
C ALA A 112 -11.12 10.87 28.73
N PHE A 113 -11.03 11.23 27.45
CA PHE A 113 -12.15 11.11 26.52
C PHE A 113 -11.75 10.32 25.28
N TYR A 114 -12.69 9.56 24.72
CA TYR A 114 -12.41 8.79 23.51
C TYR A 114 -13.56 8.86 22.51
N ALA A 115 -13.23 8.60 21.25
CA ALA A 115 -14.22 8.57 20.18
C ALA A 115 -13.71 7.77 18.99
N ALA A 116 -14.61 7.08 18.30
CA ALA A 116 -14.26 6.36 17.08
C ALA A 116 -13.92 7.35 15.97
N GLU A 117 -13.05 6.92 15.06
CA GLU A 117 -12.56 7.80 14.01
C GLU A 117 -12.25 7.01 12.75
N ASP A 118 -12.53 7.58 11.58
CA ASP A 118 -12.26 6.91 10.32
C ASP A 118 -10.76 6.82 10.05
N VAL A 119 -10.30 5.62 9.72
CA VAL A 119 -8.92 5.43 9.30
C VAL A 119 -8.75 5.92 7.88
N ASP A 120 -7.81 6.83 7.67
CA ASP A 120 -7.49 7.31 6.33
C ASP A 120 -6.38 6.46 5.74
N GLU A 121 -6.76 5.39 5.05
CA GLU A 121 -5.79 4.46 4.49
C GLU A 121 -4.95 5.11 3.39
N CYS A 122 -5.41 6.25 2.88
CA CYS A 122 -4.73 6.94 1.80
C CYS A 122 -3.59 7.84 2.30
N ARG A 123 -3.64 8.20 3.57
CA ARG A 123 -2.61 9.06 4.15
C ARG A 123 -1.76 8.33 5.18
N THR A 124 -2.25 7.16 5.61
CA THR A 124 -1.53 6.36 6.61
C THR A 124 -0.24 5.80 6.00
N SER A 125 0.72 5.48 6.87
CA SER A 125 2.03 4.96 6.46
C SER A 125 2.77 5.95 5.56
N ASP A 128 4.57 6.48 2.91
CA ASP A 128 5.42 6.22 1.75
C ASP A 128 5.23 4.80 1.23
N SER A 129 4.25 4.10 1.79
CA SER A 129 3.89 2.77 1.31
C SER A 129 2.44 2.77 0.84
N VAL A 130 2.18 3.53 -0.21
CA VAL A 130 0.82 3.73 -0.73
C VAL A 130 0.19 2.41 -1.17
N PRO A 131 -1.04 2.14 -0.69
CA PRO A 131 -1.77 0.92 -1.07
C PRO A 131 -2.26 0.96 -2.50
N CYS A 132 -2.39 2.16 -3.07
CA CYS A 132 -2.90 2.31 -4.43
C CYS A 132 -1.80 2.68 -5.40
N ASP A 133 -1.88 2.13 -6.62
CA ASP A 133 -0.87 2.35 -7.64
C ASP A 133 -0.94 3.76 -8.21
N HIS A 134 -2.16 4.26 -8.43
CA HIS A 134 -2.36 5.59 -8.99
C HIS A 134 -3.14 6.51 -8.06
N TYR A 135 -4.46 6.34 -8.03
CA TYR A 135 -5.30 7.18 -7.17
C TYR A 135 -5.86 6.40 -5.98
N CYS A 136 -5.73 7.00 -4.79
CA CYS A 136 -6.31 6.43 -3.58
C CYS A 136 -7.53 7.25 -3.14
N HIS A 137 -8.61 6.56 -2.81
CA HIS A 137 -9.85 7.21 -2.41
C HIS A 137 -10.34 6.70 -1.06
N ASN A 138 -10.38 7.60 -0.08
CA ASN A 138 -10.77 7.25 1.27
C ASN A 138 -12.25 7.51 1.53
N TYR A 139 -12.86 6.66 2.35
CA TYR A 139 -14.22 6.92 2.80
C TYR A 139 -14.45 6.32 4.20
N LEU A 140 -15.58 6.68 4.80
CA LEU A 140 -15.87 6.25 6.16
C LEU A 140 -15.89 4.74 6.31
N GLY A 141 -14.84 4.21 6.92
CA GLY A 141 -14.77 2.79 7.19
C GLY A 141 -14.16 1.99 6.06
N GLY A 142 -13.50 2.67 5.12
CA GLY A 142 -12.87 1.97 4.02
C GLY A 142 -12.14 2.84 3.03
N TYR A 143 -11.70 2.22 1.94
CA TYR A 143 -11.02 2.92 0.86
C TYR A 143 -11.00 2.06 -0.38
N TYR A 144 -10.72 2.67 -1.52
CA TYR A 144 -10.55 1.93 -2.76
C TYR A 144 -9.60 2.66 -3.69
N CYS A 145 -9.15 1.96 -4.73
CA CYS A 145 -8.19 2.54 -5.67
C CYS A 145 -8.82 2.77 -7.03
N SER A 146 -8.31 3.79 -7.73
CA SER A 146 -8.64 3.94 -9.15
C SER A 146 -7.36 4.24 -9.90
N CYS A 147 -7.44 4.21 -11.23
CA CYS A 147 -6.28 4.44 -12.07
C CYS A 147 -6.58 5.52 -13.10
N ARG A 148 -5.54 6.11 -13.67
CA ARG A 148 -5.71 7.21 -14.61
C ARG A 148 -6.04 6.72 -16.01
N VAL A 149 -6.20 7.66 -16.93
CA VAL A 149 -6.62 7.36 -18.30
C VAL A 149 -5.60 6.50 -19.03
N GLY A 150 -6.09 5.55 -19.82
CA GLY A 150 -5.23 4.63 -20.55
C GLY A 150 -4.86 3.45 -19.68
N TYR A 151 -5.55 3.34 -18.55
CA TYR A 151 -5.26 2.30 -17.57
C TYR A 151 -6.55 1.75 -16.97
N ILE A 152 -6.45 0.57 -16.35
CA ILE A 152 -7.59 -0.03 -15.66
C ILE A 152 -7.15 -0.67 -14.35
N LEU A 153 -8.03 -0.70 -13.37
CA LEU A 153 -7.73 -1.31 -12.08
C LEU A 153 -7.62 -2.82 -12.21
N HIS A 154 -6.50 -3.36 -11.75
CA HIS A 154 -6.25 -4.80 -11.79
C HIS A 154 -7.20 -5.55 -10.86
N GLN A 155 -7.26 -6.87 -11.03
CA GLN A 155 -8.08 -7.74 -10.19
C GLN A 155 -7.75 -7.60 -8.70
N ASN A 156 -6.49 -7.28 -8.40
CA ASN A 156 -6.07 -7.14 -7.00
C ASN A 156 -6.57 -5.86 -6.35
N LYS A 157 -7.36 -5.08 -7.11
CA LYS A 157 -8.03 -3.88 -6.61
C LYS A 157 -7.06 -2.78 -6.19
N HIS A 158 -5.81 -2.88 -6.63
CA HIS A 158 -4.79 -1.91 -6.25
C HIS A 158 -3.90 -1.50 -7.43
N THR A 159 -3.21 -2.48 -8.00
CA THR A 159 -2.32 -2.24 -9.13
C THR A 159 -3.12 -1.77 -10.34
N CYS A 160 -2.49 -0.97 -11.19
CA CYS A 160 -3.16 -0.46 -12.37
C CYS A 160 -2.50 -0.94 -13.66
N SER A 161 -3.20 -1.77 -14.41
CA SER A 161 -2.69 -2.33 -15.65
C SER A 161 -2.91 -1.40 -16.84
N ALA A 162 -1.98 -1.40 -17.78
CA ALA A 162 -2.07 -0.52 -18.93
C ALA A 162 -3.04 -1.05 -19.98
N LEU A 163 -3.64 -0.15 -20.75
CA LEU A 163 -4.49 -0.52 -21.87
C LEU A 163 -3.66 -0.52 -23.14
N CYS A 164 -2.86 -1.57 -23.32
CA CYS A 164 -1.89 -1.63 -24.39
C CYS A 164 -2.13 -2.78 -25.36
N SER A 165 -3.38 -3.20 -25.48
CA SER A 165 -3.73 -4.31 -26.35
C SER A 165 -4.64 -3.87 -27.50
N GLY A 166 -4.40 -4.45 -28.68
CA GLY A 166 -5.31 -4.29 -29.79
C GLY A 166 -5.10 -3.07 -30.69
N GLN A 167 -3.86 -2.61 -30.81
CA GLN A 167 -3.57 -1.60 -31.83
C GLN A 167 -3.01 -2.29 -33.06
N VAL A 168 -3.80 -2.29 -34.13
CA VAL A 168 -3.41 -2.96 -35.36
C VAL A 168 -2.64 -2.03 -36.28
N PHE A 169 -1.46 -2.47 -36.70
CA PHE A 169 -0.63 -1.71 -37.62
C PHE A 169 -0.76 -2.23 -39.03
N THR A 170 -1.06 -1.34 -39.98
CA THR A 170 -1.27 -1.74 -41.36
C THR A 170 -0.38 -0.97 -42.33
N GLY A 171 0.36 -0.01 -41.83
CA GLY A 171 1.30 0.74 -42.65
C GLY A 171 2.49 -0.13 -43.00
N ARG A 172 3.19 0.22 -44.07
CA ARG A 172 4.37 -0.53 -44.49
C ARG A 172 5.48 -0.47 -43.44
N SER A 173 5.49 0.59 -42.65
CA SER A 173 6.47 0.74 -41.59
C SER A 173 5.85 1.42 -40.38
N GLY A 174 6.47 1.22 -39.21
CA GLY A 174 5.96 1.85 -38.01
C GLY A 174 6.76 1.55 -36.76
N PHE A 175 6.27 2.06 -35.62
CA PHE A 175 6.96 1.91 -34.35
C PHE A 175 6.07 1.34 -33.25
N LEU A 176 6.63 0.37 -32.52
CA LEU A 176 5.99 -0.24 -31.37
C LEU A 176 6.84 0.07 -30.14
N SER A 177 6.22 0.07 -28.97
CA SER A 177 6.96 0.30 -27.73
C SER A 177 6.14 -0.13 -26.52
N SER A 178 6.82 -0.56 -25.47
CA SER A 178 6.17 -0.82 -24.20
C SER A 178 5.52 0.47 -23.70
N PRO A 179 4.44 0.35 -22.91
CA PRO A 179 3.78 1.55 -22.38
C PRO A 179 4.74 2.44 -21.60
N GLU A 180 4.56 3.75 -21.75
CA GLU A 180 5.39 4.76 -21.09
C GLU A 180 6.86 4.79 -21.53
N TYR A 181 7.22 4.03 -22.56
CA TYR A 181 8.59 4.04 -23.08
C TYR A 181 9.00 5.46 -23.49
N PRO A 182 10.24 5.88 -23.16
CA PRO A 182 11.32 5.12 -22.53
C PRO A 182 11.34 5.19 -20.99
N GLN A 183 10.19 5.32 -20.37
CA GLN A 183 10.11 5.27 -18.90
C GLN A 183 9.72 3.85 -18.50
N PRO A 184 9.92 3.49 -17.22
CA PRO A 184 9.56 2.15 -16.72
C PRO A 184 8.15 1.71 -17.09
N TYR A 185 8.03 0.53 -17.69
CA TYR A 185 6.73 0.00 -18.09
C TYR A 185 5.91 -0.41 -16.87
N PRO A 186 4.59 -0.25 -16.94
CA PRO A 186 3.69 -0.52 -15.81
C PRO A 186 3.67 -1.98 -15.38
N LYS A 187 3.17 -2.23 -14.17
CA LYS A 187 3.16 -3.57 -13.61
C LYS A 187 1.87 -4.31 -13.94
N LEU A 188 1.95 -5.65 -13.92
CA LEU A 188 0.81 -6.53 -14.18
C LEU A 188 0.03 -6.15 -15.42
N SER A 189 0.74 -5.86 -16.50
CA SER A 189 0.10 -5.45 -17.74
C SER A 189 0.31 -6.50 -18.83
N SER A 190 -0.68 -6.62 -19.71
CA SER A 190 -0.63 -7.56 -20.82
C SER A 190 -0.89 -6.83 -22.14
N CYS A 191 0.19 -6.54 -22.86
CA CYS A 191 0.12 -5.79 -24.11
C CYS A 191 0.12 -6.71 -25.32
N ALA A 192 -0.74 -6.41 -26.29
CA ALA A 192 -0.83 -7.19 -27.52
C ALA A 192 -0.79 -6.29 -28.74
N TYR A 193 0.26 -6.45 -29.55
CA TYR A 193 0.43 -5.66 -30.76
C TYR A 193 0.25 -6.54 -31.99
N ASN A 194 -0.46 -6.04 -32.99
CA ASN A 194 -0.72 -6.81 -34.20
C ASN A 194 -0.35 -6.07 -35.47
N ILE A 195 0.72 -6.51 -36.12
CA ILE A 195 1.13 -5.96 -37.40
C ILE A 195 0.54 -6.79 -38.53
N ARG A 196 -0.50 -6.27 -39.15
CA ARG A 196 -1.21 -6.98 -40.21
C ARG A 196 -1.04 -6.29 -41.56
N LEU A 197 -0.38 -6.96 -42.50
CA LEU A 197 -0.18 -6.41 -43.83
C LEU A 197 -0.79 -7.32 -44.89
N GLU A 198 -0.94 -6.79 -46.10
CA GLU A 198 -1.54 -7.54 -47.19
C GLU A 198 -0.64 -8.69 -47.64
N GLU A 199 -1.24 -9.66 -48.31
CA GLU A 199 -0.50 -10.82 -48.81
C GLU A 199 0.52 -10.40 -49.86
N GLY A 200 1.75 -10.86 -49.69
CA GLY A 200 2.81 -10.53 -50.64
C GLY A 200 3.92 -9.73 -50.00
N PHE A 201 3.69 -9.30 -48.75
CA PHE A 201 4.68 -8.51 -48.03
C PHE A 201 5.34 -9.31 -46.90
N SER A 202 6.58 -8.95 -46.59
CA SER A 202 7.30 -9.56 -45.48
C SER A 202 7.69 -8.49 -44.46
N ILE A 203 7.42 -8.76 -43.20
CA ILE A 203 7.67 -7.83 -42.12
C ILE A 203 9.03 -8.04 -41.48
N THR A 204 9.75 -6.96 -41.23
CA THR A 204 11.04 -7.02 -40.56
C THR A 204 11.02 -6.20 -39.27
N LEU A 205 11.55 -6.77 -38.20
CA LEU A 205 11.54 -6.11 -36.89
C LEU A 205 12.94 -5.66 -36.48
N ASP A 206 13.07 -4.41 -36.04
CA ASP A 206 14.35 -3.89 -35.58
C ASP A 206 14.27 -3.33 -34.16
N PHE A 207 14.95 -3.98 -33.22
CA PHE A 207 15.03 -3.45 -31.87
C PHE A 207 15.94 -2.22 -31.84
N VAL A 208 15.34 -1.05 -31.65
CA VAL A 208 16.08 0.20 -31.74
C VAL A 208 16.26 0.88 -30.38
N GLU A 209 17.22 1.81 -30.33
CA GLU A 209 17.49 2.64 -29.17
C GLU A 209 17.89 1.84 -27.91
N SER A 210 16.90 1.38 -27.15
CA SER A 210 17.20 0.73 -25.88
C SER A 210 16.35 -0.51 -25.62
N PHE A 211 16.92 -1.47 -24.90
CA PHE A 211 16.20 -2.68 -24.51
C PHE A 211 16.53 -3.04 -23.07
N ASP A 212 15.54 -2.96 -22.20
CA ASP A 212 15.73 -3.28 -20.79
C ASP A 212 14.49 -3.95 -20.22
N VAL A 213 14.36 -5.25 -20.49
CA VAL A 213 13.29 -6.05 -19.92
C VAL A 213 13.83 -6.86 -18.76
N GLU A 214 13.08 -6.92 -17.66
CA GLU A 214 13.56 -7.54 -16.44
C GLU A 214 14.06 -8.95 -16.65
N MET A 215 15.37 -9.13 -16.49
CA MET A 215 15.98 -10.45 -16.54
C MET A 215 16.68 -10.76 -15.23
N HIS A 216 16.37 -11.92 -14.67
CA HIS A 216 17.11 -12.41 -13.52
C HIS A 216 17.81 -13.72 -13.89
N PRO A 217 19.03 -13.94 -13.35
CA PRO A 217 19.94 -15.07 -13.60
C PRO A 217 19.28 -16.46 -13.76
N GLU A 218 19.89 -17.28 -14.60
CA GLU A 218 19.58 -18.70 -14.80
C GLU A 218 18.12 -19.14 -14.67
N ALA A 219 17.19 -18.23 -15.00
CA ALA A 219 15.77 -18.58 -15.08
C ALA A 219 15.20 -18.00 -16.36
N GLN A 220 16.09 -17.42 -17.17
CA GLN A 220 15.70 -16.70 -18.38
C GLN A 220 14.69 -15.60 -18.06
N CYS A 221 13.48 -15.74 -18.59
CA CYS A 221 12.49 -14.67 -18.45
C CYS A 221 11.16 -15.14 -17.85
N PRO A 222 11.15 -15.43 -16.54
CA PRO A 222 9.92 -15.87 -15.86
C PRO A 222 9.10 -14.70 -15.33
N TYR A 223 9.68 -13.50 -15.32
CA TYR A 223 9.00 -12.33 -14.80
C TYR A 223 8.27 -11.57 -15.90
N ASP A 224 9.00 -10.72 -16.62
CA ASP A 224 8.45 -10.02 -17.77
C ASP A 224 8.83 -10.77 -19.04
N SER A 225 7.88 -10.91 -19.95
CA SER A 225 8.10 -11.72 -21.14
C SER A 225 7.66 -11.01 -22.42
N LEU A 226 8.60 -10.88 -23.35
CA LEU A 226 8.33 -10.33 -24.66
C LEU A 226 8.46 -11.42 -25.72
N LYS A 227 7.34 -11.86 -26.27
CA LYS A 227 7.34 -12.96 -27.23
C LYS A 227 6.75 -12.54 -28.58
N ILE A 228 7.26 -13.16 -29.64
CA ILE A 228 6.82 -12.87 -30.99
C ILE A 228 6.26 -14.12 -31.66
N GLN A 229 5.11 -13.96 -32.32
CA GLN A 229 4.45 -15.08 -32.98
C GLN A 229 4.12 -14.76 -34.44
N THR A 230 4.53 -15.65 -35.34
CA THR A 230 4.14 -15.58 -36.74
C THR A 230 3.41 -16.86 -37.13
N ASP A 231 3.00 -16.95 -38.38
CA ASP A 231 2.28 -18.14 -38.85
C ASP A 231 3.27 -19.23 -39.26
N LYS A 232 4.55 -19.00 -39.01
CA LYS A 232 5.58 -19.96 -39.37
C LYS A 232 6.35 -20.47 -38.16
N ARG A 233 6.56 -19.59 -37.18
CA ARG A 233 7.30 -19.96 -35.97
C ARG A 233 7.06 -18.99 -34.82
N GLU A 234 7.86 -19.14 -33.77
CA GLU A 234 7.82 -18.24 -32.62
C GLU A 234 9.21 -17.67 -32.34
N TYR A 235 9.23 -16.51 -31.71
CA TYR A 235 10.49 -15.90 -31.27
C TYR A 235 10.37 -15.49 -29.80
N GLY A 236 11.44 -15.68 -29.04
CA GLY A 236 11.45 -15.28 -27.65
C GLY A 236 11.33 -16.44 -26.68
N PRO A 237 11.12 -16.13 -25.38
CA PRO A 237 10.96 -14.79 -24.82
C PRO A 237 12.26 -13.99 -24.76
N PHE A 238 12.19 -12.73 -25.20
CA PHE A 238 13.36 -11.85 -25.17
C PHE A 238 13.38 -10.99 -23.91
N CYS A 239 14.44 -11.17 -23.12
CA CYS A 239 14.65 -10.33 -21.93
C CYS A 239 16.14 -10.03 -21.79
N GLY A 240 16.46 -8.99 -21.02
CA GLY A 240 17.85 -8.63 -20.79
C GLY A 240 18.11 -7.14 -20.93
N LYS A 241 19.36 -6.78 -21.18
CA LYS A 241 19.76 -5.38 -21.29
C LYS A 241 20.50 -5.08 -22.58
N THR A 242 20.38 -5.96 -23.56
CA THR A 242 21.04 -5.79 -24.85
C THR A 242 20.02 -5.86 -25.98
N LEU A 243 20.15 -4.96 -26.95
CA LEU A 243 19.29 -4.96 -28.14
C LEU A 243 19.34 -6.31 -28.86
N PRO A 244 18.21 -7.02 -28.89
CA PRO A 244 18.11 -8.29 -29.61
C PRO A 244 18.38 -8.11 -31.09
N PRO A 245 18.89 -9.15 -31.76
CA PRO A 245 19.22 -9.08 -33.18
C PRO A 245 18.00 -8.85 -34.06
N ARG A 246 18.24 -8.42 -35.30
CA ARG A 246 17.19 -8.17 -36.28
C ARG A 246 16.41 -9.44 -36.58
N ILE A 247 15.09 -9.30 -36.75
CA ILE A 247 14.27 -10.46 -37.09
C ILE A 247 13.55 -10.24 -38.41
N GLU A 248 13.91 -11.03 -39.42
CA GLU A 248 13.27 -10.95 -40.72
C GLU A 248 12.22 -12.05 -40.87
N THR A 249 11.02 -11.79 -40.36
CA THR A 249 9.92 -12.74 -40.52
C THR A 249 9.54 -12.85 -41.99
N ASP A 250 9.12 -14.04 -42.39
CA ASP A 250 8.68 -14.24 -43.76
C ASP A 250 7.15 -14.24 -43.80
N SER A 251 6.55 -13.45 -42.91
CA SER A 251 5.11 -13.39 -42.76
C SER A 251 4.57 -11.98 -42.97
N ASN A 252 3.32 -11.89 -43.40
CA ASN A 252 2.66 -10.60 -43.56
C ASN A 252 1.88 -10.22 -42.30
N LYS A 253 1.76 -11.18 -41.39
CA LYS A 253 1.11 -10.94 -40.10
C LYS A 253 2.02 -11.35 -38.94
N VAL A 254 2.27 -10.42 -38.04
CA VAL A 254 3.12 -10.68 -36.89
C VAL A 254 2.47 -10.17 -35.61
N THR A 255 2.47 -11.00 -34.57
CA THR A 255 1.88 -10.61 -33.30
C THR A 255 2.94 -10.55 -32.20
N ILE A 256 2.96 -9.45 -31.46
CA ILE A 256 3.93 -9.30 -30.37
C ILE A 256 3.20 -9.19 -29.04
N THR A 257 3.53 -10.07 -28.09
CA THR A 257 2.91 -10.05 -26.77
C THR A 257 3.91 -9.69 -25.68
N PHE A 258 3.50 -8.79 -24.79
CA PHE A 258 4.39 -8.34 -23.71
C PHE A 258 3.69 -8.39 -22.35
N THR A 259 4.19 -9.24 -21.45
CA THR A 259 3.59 -9.37 -20.13
C THR A 259 4.56 -8.92 -19.04
N THR A 260 4.02 -8.38 -17.95
CA THR A 260 4.83 -7.88 -16.86
C THR A 260 4.36 -8.45 -15.51
N ASP A 261 5.23 -8.41 -14.51
CA ASP A 261 4.89 -8.92 -13.19
C ASP A 261 4.41 -7.81 -12.25
N GLU A 262 4.76 -7.92 -10.98
CA GLU A 262 4.23 -7.02 -9.96
C GLU A 262 5.24 -5.98 -9.47
N SER A 263 6.47 -6.03 -9.99
CA SER A 263 7.50 -5.11 -9.53
C SER A 263 8.62 -4.90 -10.54
N GLY A 264 9.22 -3.72 -10.50
CA GLY A 264 10.36 -3.41 -11.35
C GLY A 264 10.30 -2.03 -11.97
N ASN A 265 11.47 -1.46 -12.23
CA ASN A 265 11.57 -0.15 -12.86
C ASN A 265 12.32 -0.21 -14.18
N HIS A 266 12.21 -1.35 -14.86
CA HIS A 266 12.87 -1.55 -16.14
C HIS A 266 12.19 -0.73 -17.23
N THR A 267 12.98 -0.17 -18.14
CA THR A 267 12.47 0.82 -19.08
C THR A 267 11.88 0.24 -20.37
N GLY A 268 12.10 -1.05 -20.60
CA GLY A 268 11.41 -1.73 -21.69
C GLY A 268 12.10 -1.76 -23.04
N TRP A 269 11.29 -1.61 -24.09
CA TRP A 269 11.77 -1.83 -25.45
C TRP A 269 11.07 -0.95 -26.49
N LYS A 270 11.64 -0.93 -27.70
CA LYS A 270 11.07 -0.19 -28.82
C LYS A 270 11.45 -0.87 -30.13
N ILE A 271 10.47 -1.04 -31.01
CA ILE A 271 10.69 -1.78 -32.26
C ILE A 271 10.27 -0.97 -33.48
N HIS A 272 11.13 -0.95 -34.49
CA HIS A 272 10.79 -0.36 -35.78
C HIS A 272 10.52 -1.48 -36.79
N TYR A 273 9.29 -1.58 -37.26
CA TYR A 273 8.95 -2.60 -38.24
C TYR A 273 8.89 -2.03 -39.64
N THR A 274 9.36 -2.80 -40.60
CA THR A 274 9.36 -2.41 -42.01
C THR A 274 8.82 -3.55 -42.89
N SER A 275 8.76 -3.31 -44.19
CA SER A 275 8.17 -4.28 -45.11
C SER A 275 8.96 -4.41 -46.41
N THR A 276 8.90 -5.60 -47.01
CA THR A 276 9.45 -5.80 -48.35
C THR A 276 8.44 -6.56 -49.21
N ALA A 277 8.58 -6.41 -50.53
CA ALA A 277 7.69 -7.10 -51.46
C ALA A 277 8.27 -8.46 -51.85
N GLN A 278 7.46 -9.28 -52.51
CA GLN A 278 7.89 -10.60 -52.93
C GLN A 278 8.97 -10.51 -54.00
CA CA B . -0.36 4.59 45.05
CA CA C . -11.36 4.97 5.55
CA CA D . 8.79 -6.45 -13.82
C1 NAG E . -2.88 20.26 28.72
C2 NAG E . -2.15 19.78 29.98
C3 NAG E . -2.55 20.64 31.18
C4 NAG E . -2.35 22.12 30.87
C5 NAG E . -3.09 22.48 29.59
C6 NAG E . -2.87 23.91 29.16
C7 NAG E . -3.59 17.84 30.53
C8 NAG E . -3.61 16.36 30.76
N2 NAG E . -2.39 18.37 30.24
O3 NAG E . -1.74 20.28 32.30
O4 NAG E . -2.84 22.92 31.94
O5 NAG E . -2.64 21.65 28.51
O6 NAG E . -1.53 24.12 28.72
O7 NAG E . -4.62 18.51 30.60
#